data_6HR0
#
_entry.id   6HR0
#
_cell.length_a   66.171
_cell.length_b   66.171
_cell.length_c   43.236
_cell.angle_alpha   90.00
_cell.angle_beta   90.00
_cell.angle_gamma   90.00
#
_symmetry.space_group_name_H-M   'P 43 21 2'
#
loop_
_entity.id
_entity.type
_entity.pdbx_description
1 polymer 'Cytochrome C'
2 non-polymer 'HEME C'
3 non-polymer 'PHOSPHITE ION'
4 water water
#
_entity_poly.entity_id   1
_entity_poly.type   'polypeptide(L)'
_entity_poly.pdbx_seq_one_letter_code
;EDQKLSDFHADMGGCESCHADGSPSADGAYEFEQCQSCHGSLAEMDAVHKPHDGALMCADCHAPHDMNVGQKPTCDSCHD
DGRTSDSVLK
;
_entity_poly.pdbx_strand_id   A
#
loop_
_chem_comp.id
_chem_comp.type
_chem_comp.name
_chem_comp.formula
HEC non-polymer 'HEME C' 'C34 H34 Fe N4 O4'
PO3 non-polymer 'PHOSPHITE ION' 'O3 P -3'
#
# COMPACT_ATOMS: atom_id res chain seq x y z
N GLU A 1 14.53 -2.84 15.63
CA GLU A 1 13.61 -1.98 14.81
C GLU A 1 12.55 -2.88 14.17
N ASP A 2 11.37 -2.35 13.92
CA ASP A 2 10.39 -3.10 13.15
C ASP A 2 10.85 -3.23 11.69
N GLN A 3 10.45 -4.29 11.03
CA GLN A 3 10.86 -4.58 9.66
C GLN A 3 10.12 -3.68 8.67
N LYS A 4 10.79 -3.29 7.58
CA LYS A 4 10.10 -2.62 6.48
CA LYS A 4 10.11 -2.61 6.49
C LYS A 4 9.07 -3.53 5.85
N LEU A 5 7.98 -2.91 5.37
CA LEU A 5 6.92 -3.67 4.73
C LEU A 5 7.43 -4.44 3.49
N SER A 6 8.35 -3.86 2.73
CA SER A 6 8.91 -4.53 1.57
C SER A 6 9.63 -5.81 2.00
N ASP A 7 10.46 -5.72 3.05
CA ASP A 7 11.23 -6.88 3.47
C ASP A 7 10.35 -7.95 4.08
N PHE A 8 9.30 -7.57 4.81
CA PHE A 8 8.32 -8.52 5.33
C PHE A 8 7.74 -9.32 4.18
N HIS A 9 7.39 -8.68 3.07
CA HIS A 9 6.89 -9.40 1.91
C HIS A 9 7.97 -10.19 1.18
N ALA A 10 9.18 -9.65 1.09
CA ALA A 10 10.26 -10.36 0.43
C ALA A 10 10.63 -11.63 1.16
N ASP A 11 10.49 -11.64 2.50
CA ASP A 11 10.76 -12.86 3.25
C ASP A 11 9.80 -13.98 2.83
N MET A 12 8.55 -13.63 2.55
CA MET A 12 7.55 -14.61 2.12
C MET A 12 7.76 -15.03 0.68
N GLY A 13 8.00 -14.07 -0.22
CA GLY A 13 7.88 -14.32 -1.64
C GLY A 13 8.88 -13.67 -2.55
N GLY A 14 9.92 -13.07 -1.97
CA GLY A 14 10.99 -12.42 -2.71
C GLY A 14 10.59 -11.06 -3.27
N CYS A 15 11.57 -10.40 -3.86
CA CYS A 15 11.31 -9.13 -4.53
C CYS A 15 10.33 -9.30 -5.66
N GLU A 16 10.39 -10.46 -6.35
N GLU A 16 10.37 -10.46 -6.32
CA GLU A 16 9.49 -10.68 -7.47
CA GLU A 16 9.50 -10.69 -7.47
C GLU A 16 8.06 -10.92 -7.07
C GLU A 16 8.04 -10.82 -7.07
N SER A 17 7.73 -10.99 -5.79
CA SER A 17 6.32 -11.03 -5.46
C SER A 17 5.65 -9.72 -5.81
N CYS A 18 6.40 -8.63 -5.85
CA CYS A 18 5.84 -7.33 -6.23
C CYS A 18 6.40 -6.78 -7.53
N HIS A 19 7.62 -7.14 -7.92
CA HIS A 19 8.31 -6.50 -9.04
C HIS A 19 8.55 -7.52 -10.17
N ALA A 20 8.13 -7.14 -11.40
CA ALA A 20 8.42 -7.89 -12.62
C ALA A 20 9.91 -7.85 -12.87
N ASP A 21 10.50 -8.97 -13.17
N ASP A 21 10.47 -9.04 -12.98
CA ASP A 21 11.93 -8.93 -13.42
CA ASP A 21 11.92 -9.20 -13.10
C ASP A 21 12.65 -8.34 -12.21
C ASP A 21 12.54 -8.52 -11.89
N GLY A 22 11.97 -8.23 -11.05
N GLY A 22 13.73 -7.94 -12.02
CA GLY A 22 12.56 -7.63 -9.85
CA GLY A 22 14.40 -7.37 -10.87
C GLY A 22 12.88 -6.16 -9.94
C GLY A 22 14.31 -5.85 -10.78
N SER A 23 12.51 -5.46 -11.00
N SER A 23 13.13 -5.26 -11.02
CA SER A 23 12.80 -4.04 -11.15
CA SER A 23 13.05 -3.81 -11.19
C SER A 23 11.51 -3.26 -11.00
C SER A 23 11.63 -3.28 -10.95
N PRO A 24 11.51 -2.09 -10.36
CA PRO A 24 10.22 -1.39 -10.21
C PRO A 24 9.70 -0.84 -11.54
N SER A 25 8.39 -0.82 -11.69
CA SER A 25 7.78 -0.21 -12.84
C SER A 25 7.86 1.30 -12.74
N ALA A 26 7.60 1.94 -13.88
CA ALA A 26 7.61 3.39 -13.95
C ALA A 26 6.46 4.03 -13.19
N ASP A 27 5.29 3.40 -13.21
CA ASP A 27 4.06 4.00 -12.71
C ASP A 27 3.47 3.29 -11.50
N GLY A 28 4.05 2.17 -11.06
CA GLY A 28 3.53 1.41 -9.94
C GLY A 28 2.38 0.50 -10.29
N ALA A 29 1.96 0.46 -11.56
CA ALA A 29 0.77 -0.32 -11.91
C ALA A 29 0.97 -1.80 -11.69
N TYR A 30 2.10 -2.34 -12.17
CA TYR A 30 2.37 -3.76 -11.99
C TYR A 30 2.33 -4.12 -10.51
N GLU A 31 3.01 -3.33 -9.68
CA GLU A 31 3.05 -3.59 -8.25
C GLU A 31 1.66 -3.60 -7.66
N PHE A 32 0.84 -2.62 -8.05
CA PHE A 32 -0.53 -2.54 -7.54
C PHE A 32 -1.33 -3.77 -7.93
N GLU A 33 -1.17 -4.25 -9.16
CA GLU A 33 -1.78 -5.51 -9.56
C GLU A 33 -1.35 -6.65 -8.63
N GLN A 34 -0.07 -6.66 -8.27
CA GLN A 34 0.40 -7.71 -7.37
C GLN A 34 -0.21 -7.56 -5.99
N CYS A 35 -0.29 -6.35 -5.43
CA CYS A 35 -0.95 -6.22 -4.12
C CYS A 35 -2.32 -6.84 -4.18
N GLN A 36 -3.10 -6.51 -5.24
CA GLN A 36 -4.47 -6.95 -5.34
C GLN A 36 -4.56 -8.45 -5.61
N SER A 37 -3.55 -9.03 -6.24
CA SER A 37 -3.60 -10.48 -6.47
CA SER A 37 -3.59 -10.47 -6.47
C SER A 37 -3.64 -11.24 -5.17
N CYS A 38 -3.03 -10.71 -4.12
CA CYS A 38 -3.03 -11.36 -2.81
C CYS A 38 -4.05 -10.79 -1.85
N HIS A 39 -4.36 -9.49 -1.95
CA HIS A 39 -5.20 -8.79 -1.00
C HIS A 39 -6.60 -8.47 -1.49
N GLY A 40 -6.86 -8.66 -2.80
CA GLY A 40 -8.09 -8.17 -3.39
C GLY A 40 -8.09 -6.65 -3.52
N SER A 41 -9.26 -6.13 -3.79
CA SER A 41 -9.46 -4.73 -4.15
C SER A 41 -9.92 -3.87 -2.97
N LEU A 42 -9.61 -2.57 -3.08
CA LEU A 42 -10.15 -1.57 -2.16
C LEU A 42 -11.67 -1.59 -2.11
N ALA A 43 -12.32 -2.02 -3.19
CA ALA A 43 -13.77 -2.04 -3.22
C ALA A 43 -14.36 -2.96 -2.14
N GLU A 44 -13.59 -3.96 -1.69
CA GLU A 44 -14.06 -4.92 -0.70
C GLU A 44 -13.52 -4.63 0.69
N MET A 45 -12.92 -3.44 0.90
CA MET A 45 -12.24 -3.12 2.15
C MET A 45 -13.07 -2.15 2.97
N ASP A 46 -12.49 -1.73 4.09
CA ASP A 46 -13.24 -1.05 5.13
C ASP A 46 -13.40 0.44 4.84
N ALA A 47 -13.87 1.17 5.86
CA ALA A 47 -14.32 2.54 5.68
C ALA A 47 -13.18 3.52 5.35
N VAL A 48 -11.93 3.23 5.73
CA VAL A 48 -10.82 4.08 5.33
CA VAL A 48 -10.81 4.06 5.34
C VAL A 48 -10.35 3.74 3.93
N HIS A 49 -10.49 2.49 3.51
CA HIS A 49 -9.97 2.01 2.24
C HIS A 49 -10.92 2.24 1.08
N LYS A 50 -12.18 1.84 1.26
CA LYS A 50 -13.11 1.83 0.13
C LYS A 50 -13.29 3.22 -0.53
N PRO A 51 -13.33 4.35 0.18
CA PRO A 51 -13.48 5.64 -0.53
C PRO A 51 -12.36 5.92 -1.49
N HIS A 52 -11.22 5.26 -1.37
CA HIS A 52 -10.08 5.47 -2.23
C HIS A 52 -10.05 4.59 -3.45
N ASP A 53 -11.04 3.72 -3.61
CA ASP A 53 -11.14 2.86 -4.78
C ASP A 53 -11.30 3.73 -6.01
N GLY A 54 -10.37 3.60 -6.95
CA GLY A 54 -10.35 4.41 -8.15
C GLY A 54 -9.49 5.65 -8.06
N ALA A 55 -9.04 6.04 -6.86
CA ALA A 55 -8.19 7.19 -6.67
C ALA A 55 -6.74 6.82 -6.42
N LEU A 56 -6.46 5.71 -5.73
CA LEU A 56 -5.12 5.44 -5.24
C LEU A 56 -4.73 4.00 -5.46
N MET A 57 -3.42 3.78 -5.54
CA MET A 57 -2.83 2.47 -5.42
C MET A 57 -2.53 2.20 -3.97
N CYS A 58 -2.42 0.93 -3.57
CA CYS A 58 -2.12 0.61 -2.17
C CYS A 58 -0.86 1.31 -1.68
N ALA A 59 0.17 1.32 -2.52
CA ALA A 59 1.48 1.87 -2.16
C ALA A 59 1.47 3.36 -1.96
N ASP A 60 0.43 4.07 -2.45
CA ASP A 60 0.35 5.50 -2.24
C ASP A 60 0.25 5.82 -0.76
N CYS A 61 -0.34 4.93 0.03
CA CYS A 61 -0.42 5.04 1.49
C CYS A 61 0.58 4.14 2.20
N HIS A 62 0.70 2.89 1.78
CA HIS A 62 1.61 1.91 2.37
C HIS A 62 2.86 1.85 1.50
N ALA A 63 3.80 2.76 1.72
CA ALA A 63 5.01 2.89 0.90
C ALA A 63 5.99 1.82 1.36
N PRO A 64 6.17 0.71 0.63
CA PRO A 64 6.74 -0.48 1.27
C PRO A 64 8.19 -0.37 1.71
N HIS A 65 8.98 0.42 1.00
CA HIS A 65 10.38 0.58 1.35
C HIS A 65 10.61 1.64 2.42
N ASP A 66 9.60 2.42 2.78
CA ASP A 66 9.77 3.55 3.67
C ASP A 66 8.97 3.47 4.93
N MET A 67 8.08 2.49 5.03
CA MET A 67 7.18 2.29 6.15
C MET A 67 7.35 0.89 6.70
N ASN A 68 7.18 0.74 8.00
CA ASN A 68 7.39 -0.53 8.67
C ASN A 68 6.10 -1.32 8.77
N VAL A 69 6.27 -2.62 8.99
CA VAL A 69 5.15 -3.48 9.38
C VAL A 69 4.45 -2.83 10.58
N GLY A 70 3.13 -2.74 10.52
CA GLY A 70 2.35 -2.14 11.58
C GLY A 70 2.24 -0.64 11.53
N GLN A 71 2.95 0.03 10.62
CA GLN A 71 2.90 1.49 10.58
C GLN A 71 1.62 1.96 9.93
N LYS A 72 0.89 2.79 10.62
CA LYS A 72 -0.37 3.32 10.12
C LYS A 72 -0.13 4.52 9.22
N PRO A 73 -0.59 4.49 7.96
CA PRO A 73 -0.59 5.70 7.14
C PRO A 73 -1.42 6.77 7.79
N THR A 74 -0.94 8.02 7.78
CA THR A 74 -1.67 9.13 8.36
C THR A 74 -2.26 10.01 7.25
N CYS A 75 -3.44 10.56 7.53
CA CYS A 75 -4.22 11.19 6.46
C CYS A 75 -3.60 12.51 6.01
N ASP A 76 -2.81 13.13 6.87
CA ASP A 76 -2.16 14.40 6.56
C ASP A 76 -1.12 14.28 5.45
N SER A 77 -0.79 13.08 4.99
CA SER A 77 0.08 12.93 3.85
CA SER A 77 0.09 12.94 3.84
C SER A 77 -0.56 13.49 2.58
N CYS A 78 -1.89 13.62 2.54
CA CYS A 78 -2.57 14.06 1.33
C CYS A 78 -3.69 15.04 1.58
N HIS A 79 -4.49 14.85 2.61
CA HIS A 79 -5.58 15.77 2.91
C HIS A 79 -5.08 16.84 3.88
N ASP A 80 -5.45 18.07 3.64
CA ASP A 80 -4.98 19.19 4.44
C ASP A 80 -5.98 19.63 5.49
N ASP A 81 -7.17 19.05 5.52
CA ASP A 81 -8.25 19.51 6.39
C ASP A 81 -8.27 18.89 7.78
N GLY A 82 -7.21 18.19 8.18
CA GLY A 82 -7.11 17.65 9.53
C GLY A 82 -7.88 16.37 9.76
N ARG A 83 -8.50 15.78 8.74
CA ARG A 83 -9.24 14.53 8.95
C ARG A 83 -8.30 13.43 9.44
N THR A 84 -8.84 12.51 10.20
CA THR A 84 -8.12 11.37 10.74
C THR A 84 -8.92 10.12 10.47
N SER A 85 -8.37 8.95 10.82
CA SER A 85 -9.09 7.71 10.52
C SER A 85 -10.50 7.68 11.08
N ASP A 86 -10.75 8.31 12.23
CA ASP A 86 -12.11 8.25 12.74
C ASP A 86 -13.09 9.16 12.00
N SER A 87 -12.62 10.00 11.09
CA SER A 87 -13.51 10.91 10.39
CA SER A 87 -13.50 10.91 10.39
C SER A 87 -14.49 10.16 9.49
N VAL A 88 -14.14 8.96 9.04
CA VAL A 88 -15.09 8.20 8.22
C VAL A 88 -16.22 7.63 9.06
N LEU A 89 -16.10 7.68 10.40
CA LEU A 89 -17.19 7.23 11.26
C LEU A 89 -18.14 8.38 11.63
N LYS A 90 -17.82 9.60 11.19
CA LYS A 90 -18.62 10.76 11.47
C LYS A 90 -18.89 11.52 10.19
FE HEC B . -4.36 -0.02 3.90
CHA HEC B . -4.46 -0.75 7.28
CHB HEC B . -3.72 -3.29 3.17
CHC HEC B . -4.65 0.67 0.53
CHD HEC B . -4.57 3.30 4.61
NA HEC B . -4.18 -1.68 4.99
C1A HEC B . -4.21 -1.83 6.33
C2A HEC B . -3.99 -3.13 6.79
C3A HEC B . -3.75 -3.87 5.59
C4A HEC B . -3.87 -2.93 4.54
CMA HEC B . -3.48 -5.34 5.49
CAA HEC B . -4.04 -3.67 8.18
CBA HEC B . -2.71 -3.66 8.85
CGA HEC B . -2.87 -4.31 10.24
O1A HEC B . -3.15 -5.52 10.40
O2A HEC B . -2.72 -3.55 11.18
NB HEC B . -4.24 -1.10 2.20
C1B HEC B . -3.96 -2.41 2.09
C2B HEC B . -3.97 -2.88 0.77
C3B HEC B . -4.31 -1.75 -0.02
C4B HEC B . -4.42 -0.69 0.91
CMB HEC B . -3.66 -4.26 0.30
CAB HEC B . -4.55 -1.68 -1.53
CBB HEC B . -5.67 -2.66 -1.94
NC HEC B . -4.50 1.62 2.79
C1C HEC B . -4.60 1.75 1.44
C2C HEC B . -4.66 3.07 1.00
C3C HEC B . -4.61 3.85 2.18
C4C HEC B . -4.54 2.92 3.24
CMC HEC B . -4.77 3.53 -0.42
CAC HEC B . -4.52 5.34 2.29
CBC HEC B . -5.73 6.09 1.84
ND HEC B . -4.46 1.06 5.60
C1D HEC B . -4.62 2.40 5.70
C2D HEC B . -4.76 2.85 7.01
C3D HEC B . -4.69 1.66 7.79
C4D HEC B . -4.55 0.63 6.87
CMD HEC B . -4.94 4.23 7.51
CAD HEC B . -4.79 1.60 9.29
CBD HEC B . -6.24 1.43 9.71
CGD HEC B . -6.28 1.49 11.23
O1D HEC B . -5.93 0.47 11.84
O2D HEC B . -6.61 2.55 11.80
HHA HEC B . -4.58 -0.98 8.33
HHB HEC B . -3.41 -4.30 2.95
HHC HEC B . -4.85 0.89 -0.49
HHD HEC B . -4.57 4.35 4.83
HMA1 HEC B . -2.53 -5.50 5.04
HMA2 HEC B . -3.48 -5.77 6.46
HMA3 HEC B . -4.23 -5.79 4.90
HAA1 HEC B . -4.41 -4.69 8.16
HAA2 HEC B . -4.74 -3.07 8.77
HBA1 HEC B . -2.35 -2.63 8.96
HBA2 HEC B . -1.98 -4.21 8.26
HMB1 HEC B . -3.12 -4.78 1.05
HMB2 HEC B . -4.57 -4.78 0.11
HMB3 HEC B . -3.08 -4.22 -0.58
HAB HEC B . -4.83 -0.66 -1.80
HBB1 HEC B . -6.58 -2.39 -1.45
HBB2 HEC B . -5.41 -3.65 -1.65
HBB3 HEC B . -5.82 -2.63 -2.98
HMC1 HEC B . -4.73 2.70 -1.07
HMC2 HEC B . -5.69 4.06 -0.56
HMC3 HEC B . -3.96 4.19 -0.65
HAC HEC B . -4.40 5.58 3.34
HBC1 HEC B . -5.56 7.13 1.92
HBC2 HEC B . -6.56 5.82 2.44
HBC3 HEC B . -5.94 5.85 0.82
HMD1 HEC B . -4.05 4.55 8.00
HMD2 HEC B . -5.16 4.88 6.70
HMD3 HEC B . -5.74 4.25 8.21
HAD1 HEC B . -4.20 0.77 9.67
HAD2 HEC B . -4.39 2.52 9.73
HBD1 HEC B . -6.63 0.47 9.35
HBD2 HEC B . -6.86 2.22 9.28
FE HEC C . -8.26 10.20 1.23
CHA HEC C . -10.68 10.59 -1.11
CHB HEC C . -10.62 9.97 3.68
CHC HEC C . -5.85 9.34 3.49
CHD HEC C . -5.87 10.80 -1.14
NA HEC C . -10.25 10.31 1.28
C1A HEC C . -11.09 10.38 0.22
C2A HEC C . -12.44 10.31 0.59
C3A HEC C . -12.41 10.17 2.01
C4A HEC C . -11.06 10.14 2.34
CMA HEC C . -13.60 10.06 2.92
CAA HEC C . -13.61 10.41 -0.34
CBA HEC C . -13.88 11.83 -0.77
CGA HEC C . -14.10 12.76 0.38
O1A HEC C . -15.20 12.68 1.00
O2A HEC C . -13.20 13.56 0.70
NB HEC C . -8.22 9.78 3.21
C1B HEC C . -9.28 9.79 4.06
C2B HEC C . -8.90 9.49 5.38
C3B HEC C . -7.50 9.22 5.31
C4B HEC C . -7.16 9.45 3.97
CMB HEC C . -9.80 9.39 6.58
CAB HEC C . -6.59 8.84 6.42
CBB HEC C . -6.95 7.51 7.08
NC HEC C . -6.26 10.05 1.15
C1C HEC C . -5.43 9.69 2.16
C2C HEC C . -4.08 9.70 1.80
C3C HEC C . -4.09 10.09 0.42
C4C HEC C . -5.45 10.35 0.13
CMC HEC C . -2.91 9.41 2.67
CAC HEC C . -2.92 10.31 -0.47
CBC HEC C . -1.99 9.12 -0.61
ND HEC C . -8.29 10.66 -0.74
C1D HEC C . -7.24 10.87 -1.54
C2D HEC C . -7.59 11.17 -2.85
C3D HEC C . -9.00 11.09 -2.87
C4D HEC C . -9.35 10.74 -1.54
CMD HEC C . -6.71 11.51 -4.02
CAD HEC C . -9.90 11.34 -4.05
CBD HEC C . -10.28 12.83 -3.98
CGD HEC C . -11.08 13.36 -5.17
O1D HEC C . -11.62 12.55 -5.94
O2D HEC C . -11.18 14.61 -5.29
HHA HEC C . -11.45 10.63 -1.87
HHB HEC C . -11.36 9.98 4.46
HHC HEC C . -5.09 8.98 4.16
HHD HEC C . -5.11 11.10 -1.85
HMA1 HEC C . -14.49 10.20 2.36
HMA2 HEC C . -13.61 9.09 3.37
HMA3 HEC C . -13.54 10.79 3.68
HAA1 HEC C . -14.50 10.00 0.16
HAA2 HEC C . -13.42 9.79 -1.21
HBA1 HEC C . -14.76 11.84 -1.41
HBA2 HEC C . -13.04 12.19 -1.36
HMB1 HEC C . -9.27 9.71 7.44
HMB2 HEC C . -10.65 10.01 6.43
HMB3 HEC C . -10.12 8.39 6.70
HAB HEC C . -5.59 8.75 6.02
HBB1 HEC C . -7.00 6.75 6.34
HBB2 HEC C . -7.89 7.59 7.56
HBB3 HEC C . -6.22 7.26 7.80
HMC1 HEC C . -3.21 9.44 3.68
HMC2 HEC C . -2.53 8.44 2.44
HMC3 HEC C . -2.15 10.12 2.49
HAC HEC C . -3.30 10.55 -1.46
HBC1 HEC C . -2.55 8.25 -0.84
HBC2 HEC C . -1.45 8.97 0.28
HBC3 HEC C . -1.31 9.30 -1.41
HMD1 HEC C . -5.72 11.21 -3.81
HMD2 HEC C . -7.06 11.00 -4.88
HMD3 HEC C . -6.74 12.56 -4.20
HAD1 HEC C . -9.37 11.12 -4.98
HAD2 HEC C . -10.79 10.71 -4.00
HBD1 HEC C . -9.36 13.42 -3.90
HBD2 HEC C . -10.87 13.00 -3.07
FE HEC D . 10.30 -2.56 -4.18
CHA HEC D . 10.10 0.67 -5.32
CHB HEC D . 13.55 -2.71 -5.23
CHC HEC D . 10.60 -5.63 -2.70
CHD HEC D . 6.90 -2.69 -3.75
NA HEC D . 11.54 -1.29 -5.05
C1A HEC D . 11.34 0.00 -5.41
C2A HEC D . 12.42 0.61 -6.01
C3A HEC D . 13.44 -0.40 -5.97
C4A HEC D . 12.81 -1.51 -5.43
CMA HEC D . 14.86 -0.30 -6.48
CAA HEC D . 12.56 2.05 -6.48
CBA HEC D . 12.95 2.83 -5.21
CGA HEC D . 12.95 4.33 -5.35
O1A HEC D . 13.06 4.84 -6.48
O2A HEC D . 12.84 5.05 -4.31
NB HEC D . 11.77 -3.91 -4.01
C1B HEC D . 13.03 -3.82 -4.49
C2B HEC D . 13.82 -4.94 -4.19
C3B HEC D . 12.94 -5.79 -3.44
C4B HEC D . 11.74 -5.07 -3.35
CMB HEC D . 15.25 -5.23 -4.55
CAB HEC D . 13.26 -7.13 -2.83
CBB HEC D . 14.31 -6.94 -1.74
NC HEC D . 9.02 -3.86 -3.32
C1C HEC D . 9.30 -5.05 -2.83
C2C HEC D . 8.22 -5.77 -2.40
C3C HEC D . 7.11 -4.94 -2.72
C4C HEC D . 7.71 -3.78 -3.28
CMC HEC D . 8.16 -7.17 -1.83
CAC HEC D . 5.65 -5.26 -2.59
CBC HEC D . 5.20 -5.49 -1.14
ND HEC D . 8.83 -1.23 -4.43
C1D HEC D . 7.48 -1.46 -4.27
C2D HEC D . 6.68 -0.38 -4.60
C3D HEC D . 7.61 0.61 -5.07
C4D HEC D . 8.85 0.00 -4.96
CMD HEC D . 5.21 -0.27 -4.56
CAD HEC D . 7.28 1.96 -5.61
CBD HEC D . 6.64 2.95 -4.63
CGD HEC D . 7.56 3.38 -3.52
O1D HEC D . 8.78 3.51 -3.81
O2D HEC D . 7.00 3.65 -2.41
HHA HEC D . 10.07 1.73 -5.54
HHB HEC D . 14.53 -2.78 -5.65
HHC HEC D . 10.72 -6.52 -2.09
HHD HEC D . 5.83 -2.79 -3.71
HMA1 HEC D . 15.01 0.64 -6.93
HMA2 HEC D . 15.53 -0.41 -5.67
HMA3 HEC D . 15.03 -1.08 -7.18
HAA1 HEC D . 11.63 2.42 -6.89
HAA2 HEC D . 13.34 2.14 -7.24
HBA1 HEC D . 13.95 2.52 -4.90
HBA2 HEC D . 12.24 2.57 -4.41
HMB1 HEC D . 15.34 -6.23 -4.89
HMB2 HEC D . 15.57 -4.56 -5.31
HMB3 HEC D . 15.86 -5.11 -3.69
HAB HEC D . 12.36 -7.56 -2.40
HBB1 HEC D . 13.96 -6.22 -1.06
HBB2 HEC D . 15.21 -6.61 -2.18
HBB3 HEC D . 14.46 -7.86 -1.24
HMC1 HEC D . 9.11 -7.63 -1.93
HMC2 HEC D . 7.89 -7.14 -0.80
HMC3 HEC D . 7.44 -7.74 -2.36
HAC HEC D . 5.08 -4.41 -2.97
HBC1 HEC D . 4.17 -5.73 -1.13
HBC2 HEC D . 5.37 -4.62 -0.57
HBC3 HEC D . 5.75 -6.30 -0.73
HMD1 HEC D . 4.79 -1.22 -4.36
HMD2 HEC D . 4.94 0.41 -3.80
HMD3 HEC D . 4.86 0.08 -5.49
HAD1 HEC D . 8.21 2.41 -5.98
HAD2 HEC D . 6.60 1.83 -6.45
HBD1 HEC D . 5.74 2.50 -4.20
HBD2 HEC D . 6.33 3.84 -5.19
FE HEC E . 0.69 -7.63 1.42
CHA HEC E . 0.32 -8.24 4.79
CHB HEC E . 0.33 -4.29 1.98
CHC HEC E . 1.61 -7.01 -1.81
CHD HEC E . 0.50 -10.98 0.74
NA HEC E . 0.45 -6.49 3.07
C1A HEC E . 0.33 -6.87 4.35
C2A HEC E . 0.16 -5.78 5.23
C3A HEC E . 0.10 -4.65 4.40
C4A HEC E . 0.29 -5.14 3.09
CMA HEC E . -0.13 -3.23 4.83
CAA HEC E . 0.02 -5.83 6.71
CBA HEC E . 1.38 -5.91 7.42
CGA HEC E . 1.17 -5.91 8.95
O1A HEC E . 1.02 -4.81 9.49
O2A HEC E . 1.19 -6.99 9.54
NB HEC E . 0.91 -5.99 0.30
C1B HEC E . 0.71 -4.70 0.66
C2B HEC E . 0.91 -3.78 -0.36
C3B HEC E . 1.31 -4.58 -1.47
C4B HEC E . 1.26 -5.90 -1.00
CMB HEC E . 0.83 -2.28 -0.28
CAB HEC E . 1.69 -4.14 -2.85
CBB HEC E . 2.64 -2.95 -2.94
NC HEC E . 0.96 -8.76 -0.19
C1C HEC E . 1.40 -8.36 -1.43
C2C HEC E . 1.59 -9.42 -2.32
C3C HEC E . 1.20 -10.59 -1.60
C4C HEC E . 0.86 -10.10 -0.32
CMC HEC E . 2.01 -9.34 -3.77
CAC HEC E . 1.10 -12.00 -2.09
CBC HEC E . 2.25 -12.52 -2.88
ND HEC E . 0.46 -9.26 2.54
C1D HEC E . 0.37 -10.54 2.10
C2D HEC E . 0.09 -11.44 3.12
C3D HEC E . 0.08 -10.68 4.32
C4D HEC E . 0.29 -9.33 3.88
CMD HEC E . -0.08 -12.92 3.03
CAD HEC E . -0.11 -11.18 5.72
CBD HEC E . 1.19 -11.95 6.12
CGD HEC E . 1.29 -12.22 7.62
O1D HEC E . 0.65 -11.53 8.45
O2D HEC E . 2.11 -13.10 7.97
HHA HEC E . 0.32 -8.44 5.85
HHB HEC E . 0.06 -3.25 2.12
HHC HEC E . 2.06 -6.82 -2.77
HHD HEC E . 0.32 -12.01 0.51
HMA1 HEC E . -1.05 -2.89 4.43
HMA2 HEC E . -0.15 -3.17 5.88
HMA3 HEC E . 0.66 -2.62 4.46
HAA1 HEC E . -0.58 -6.70 6.99
HAA2 HEC E . -0.51 -4.94 7.04
HBA1 HEC E . 2.00 -5.06 7.13
HBA2 HEC E . 1.90 -6.83 7.13
HMB1 HEC E . 0.12 -2.02 0.47
HMB2 HEC E . 1.78 -1.90 -0.02
HMB3 HEC E . 0.53 -1.89 -1.21
HAB HEC E . 2.20 -4.97 -3.33
HBB1 HEC E . 3.03 -2.87 -3.92
HBB2 HEC E . 3.44 -3.09 -2.26
HBB3 HEC E . 2.12 -2.06 -2.69
HMC1 HEC E . 1.88 -8.35 -4.13
HMC2 HEC E . 3.02 -9.61 -3.86
HMC3 HEC E . 1.41 -10.00 -4.35
HAC HEC E . 1.01 -12.63 -1.20
HBC1 HEC E . 2.09 -13.55 -3.10
HBC2 HEC E . 3.15 -12.43 -2.31
HBC3 HEC E . 2.36 -11.97 -3.78
HMD1 HEC E . -0.22 -13.20 2.02
HMD2 HEC E . 0.78 -13.39 3.42
HMD3 HEC E . -0.93 -13.20 3.60
HAD1 HEC E . -0.29 -10.35 6.39
HAD2 HEC E . -0.98 -11.85 5.77
HBD1 HEC E . 2.05 -11.37 5.81
HBD2 HEC E . 1.22 -12.90 5.59
P PO3 F . 15.06 -7.51 7.85
O1 PO3 F . 14.95 -8.61 8.90
O2 PO3 F . 14.12 -7.83 6.72
O3 PO3 F . 14.64 -6.24 8.58
#